data_3FPO
# 
_entry.id   3FPO 
# 
_audit_conform.dict_name       mmcif_pdbx.dic 
_audit_conform.dict_version    5.387 
_audit_conform.dict_location   http://mmcif.pdb.org/dictionaries/ascii/mmcif_pdbx.dic 
# 
loop_
_database_2.database_id 
_database_2.database_code 
_database_2.pdbx_database_accession 
_database_2.pdbx_DOI 
PDB   3FPO         pdb_00003fpo 10.2210/pdb3fpo/pdb 
RCSB  RCSB050886   ?            ?                   
WWPDB D_1000050886 ?            ?                   
# 
loop_
_pdbx_audit_revision_history.ordinal 
_pdbx_audit_revision_history.data_content_type 
_pdbx_audit_revision_history.major_revision 
_pdbx_audit_revision_history.minor_revision 
_pdbx_audit_revision_history.revision_date 
1 'Structure model' 1 0 2009-06-30 
2 'Structure model' 1 1 2011-07-13 
3 'Structure model' 1 2 2017-11-01 
4 'Structure model' 1 3 2024-02-21 
# 
_pdbx_audit_revision_details.ordinal             1 
_pdbx_audit_revision_details.revision_ordinal    1 
_pdbx_audit_revision_details.data_content_type   'Structure model' 
_pdbx_audit_revision_details.provider            repository 
_pdbx_audit_revision_details.type                'Initial release' 
_pdbx_audit_revision_details.description         ? 
_pdbx_audit_revision_details.details             ? 
# 
loop_
_pdbx_audit_revision_group.ordinal 
_pdbx_audit_revision_group.revision_ordinal 
_pdbx_audit_revision_group.data_content_type 
_pdbx_audit_revision_group.group 
1 2 'Structure model' 'Version format compliance' 
2 3 'Structure model' 'Refinement description'    
3 4 'Structure model' 'Data collection'           
4 4 'Structure model' 'Database references'       
# 
loop_
_pdbx_audit_revision_category.ordinal 
_pdbx_audit_revision_category.revision_ordinal 
_pdbx_audit_revision_category.data_content_type 
_pdbx_audit_revision_category.category 
1 3 'Structure model' software       
2 4 'Structure model' chem_comp_atom 
3 4 'Structure model' chem_comp_bond 
4 4 'Structure model' database_2     
# 
loop_
_pdbx_audit_revision_item.ordinal 
_pdbx_audit_revision_item.revision_ordinal 
_pdbx_audit_revision_item.data_content_type 
_pdbx_audit_revision_item.item 
1 4 'Structure model' '_database_2.pdbx_DOI'                
2 4 'Structure model' '_database_2.pdbx_database_accession' 
# 
_pdbx_database_status.entry_id                        3FPO 
_pdbx_database_status.deposit_site                    RCSB 
_pdbx_database_status.process_site                    RCSB 
_pdbx_database_status.recvd_initial_deposition_date   2009-01-05 
_pdbx_database_status.status_code                     REL 
_pdbx_database_status.status_code_sf                  REL 
_pdbx_database_status.status_code_mr                  ? 
_pdbx_database_status.SG_entry                        ? 
_pdbx_database_status.pdb_format_compatible           Y 
_pdbx_database_status.status_code_cs                  ? 
_pdbx_database_status.methods_development_category    ? 
_pdbx_database_status.status_code_nmr_data            ? 
# 
loop_
_pdbx_database_related.db_name 
_pdbx_database_related.db_id 
_pdbx_database_related.details 
_pdbx_database_related.content_type 
PDB 3DGJ 'NNFGAIL,another segment from IAPP' unspecified 
PDB 3DG1 'SSTNVG, another segment from IAPP' unspecified 
# 
loop_
_audit_author.name 
_audit_author.pdbx_ordinal 
'Wiltzius, J.J.W.' 1 
'Sawaya, M.R.'     2 
'Eisenberg, D.'    3 
# 
_citation.id                        primary 
_citation.title                     'Molecular mechanisms for protein-encoded inheritance.' 
_citation.journal_abbrev            Nat.Struct.Mol.Biol. 
_citation.journal_volume            16 
_citation.page_first                973 
_citation.page_last                 978 
_citation.year                      2009 
_citation.journal_id_ASTM           ? 
_citation.country                   US 
_citation.journal_id_ISSN           1545-9993 
_citation.journal_id_CSD            ? 
_citation.book_publisher            ? 
_citation.pdbx_database_id_PubMed   19684598 
_citation.pdbx_database_id_DOI      10.1038/nsmb.1643 
# 
loop_
_citation_author.citation_id 
_citation_author.name 
_citation_author.ordinal 
_citation_author.identifier_ORCID 
primary 'Wiltzius, J.J.'  1  ? 
primary 'Landau, M.'      2  ? 
primary 'Nelson, R.'      3  ? 
primary 'Sawaya, M.R.'    4  ? 
primary 'Apostol, M.I.'   5  ? 
primary 'Goldschmidt, L.' 6  ? 
primary 'Soriaga, A.B.'   7  ? 
primary 'Cascio, D.'      8  ? 
primary 'Rajashankar, K.' 9  ? 
primary 'Eisenberg, D.'   10 ? 
# 
loop_
_entity.id 
_entity.type 
_entity.src_method 
_entity.pdbx_description 
_entity.formula_weight 
_entity.pdbx_number_of_molecules 
_entity.pdbx_ec 
_entity.pdbx_mutation 
_entity.pdbx_fragment 
_entity.details 
1 polymer syn 'HSSNNF hexapeptide segment from Islet Amyloid Polypeptide' 705.697 1 ? ? ? ? 
2 water   nat water                                                       18.015  4 ? ? ? ? 
# 
_entity_poly.entity_id                      1 
_entity_poly.type                           'polypeptide(L)' 
_entity_poly.nstd_linkage                   no 
_entity_poly.nstd_monomer                   no 
_entity_poly.pdbx_seq_one_letter_code       HSSNNF 
_entity_poly.pdbx_seq_one_letter_code_can   HSSNNF 
_entity_poly.pdbx_strand_id                 A 
_entity_poly.pdbx_target_identifier         ? 
# 
_pdbx_entity_nonpoly.entity_id   2 
_pdbx_entity_nonpoly.name        water 
_pdbx_entity_nonpoly.comp_id     HOH 
# 
loop_
_entity_poly_seq.entity_id 
_entity_poly_seq.num 
_entity_poly_seq.mon_id 
_entity_poly_seq.hetero 
1 1 HIS n 
1 2 SER n 
1 3 SER n 
1 4 ASN n 
1 5 ASN n 
1 6 PHE n 
# 
_pdbx_entity_src_syn.entity_id              1 
_pdbx_entity_src_syn.pdbx_src_id            1 
_pdbx_entity_src_syn.pdbx_alt_source_flag   sample 
_pdbx_entity_src_syn.pdbx_beg_seq_num       ? 
_pdbx_entity_src_syn.pdbx_end_seq_num       ? 
_pdbx_entity_src_syn.organism_scientific    ? 
_pdbx_entity_src_syn.organism_common_name   ? 
_pdbx_entity_src_syn.ncbi_taxonomy_id       ? 
_pdbx_entity_src_syn.details                'HSSNNF (residues 18-23) from human Islet Amyloid Polypeptide, synthesized' 
# 
loop_
_chem_comp.id 
_chem_comp.type 
_chem_comp.mon_nstd_flag 
_chem_comp.name 
_chem_comp.pdbx_synonyms 
_chem_comp.formula 
_chem_comp.formula_weight 
ASN 'L-peptide linking' y ASPARAGINE    ? 'C4 H8 N2 O3'    132.118 
HIS 'L-peptide linking' y HISTIDINE     ? 'C6 H10 N3 O2 1' 156.162 
HOH non-polymer         . WATER         ? 'H2 O'           18.015  
PHE 'L-peptide linking' y PHENYLALANINE ? 'C9 H11 N O2'    165.189 
SER 'L-peptide linking' y SERINE        ? 'C3 H7 N O3'     105.093 
# 
loop_
_pdbx_poly_seq_scheme.asym_id 
_pdbx_poly_seq_scheme.entity_id 
_pdbx_poly_seq_scheme.seq_id 
_pdbx_poly_seq_scheme.mon_id 
_pdbx_poly_seq_scheme.ndb_seq_num 
_pdbx_poly_seq_scheme.pdb_seq_num 
_pdbx_poly_seq_scheme.auth_seq_num 
_pdbx_poly_seq_scheme.pdb_mon_id 
_pdbx_poly_seq_scheme.auth_mon_id 
_pdbx_poly_seq_scheme.pdb_strand_id 
_pdbx_poly_seq_scheme.pdb_ins_code 
_pdbx_poly_seq_scheme.hetero 
A 1 1 HIS 1 1 1 HIS HIS A . n 
A 1 2 SER 2 2 2 SER SER A . n 
A 1 3 SER 3 3 3 SER SER A . n 
A 1 4 ASN 4 4 4 ASN ASN A . n 
A 1 5 ASN 5 5 5 ASN ASN A . n 
A 1 6 PHE 6 6 6 PHE PHE A . n 
# 
loop_
_pdbx_nonpoly_scheme.asym_id 
_pdbx_nonpoly_scheme.entity_id 
_pdbx_nonpoly_scheme.mon_id 
_pdbx_nonpoly_scheme.ndb_seq_num 
_pdbx_nonpoly_scheme.pdb_seq_num 
_pdbx_nonpoly_scheme.auth_seq_num 
_pdbx_nonpoly_scheme.pdb_mon_id 
_pdbx_nonpoly_scheme.auth_mon_id 
_pdbx_nonpoly_scheme.pdb_strand_id 
_pdbx_nonpoly_scheme.pdb_ins_code 
B 2 HOH 1 11 11 HOH HOH A . 
B 2 HOH 2 12 12 HOH HOH A . 
B 2 HOH 3 13 13 HOH HOH A . 
B 2 HOH 4 14 14 HOH HOH A . 
# 
loop_
_software.name 
_software.version 
_software.date 
_software.type 
_software.contact_author 
_software.contact_author_email 
_software.classification 
_software.location 
_software.language 
_software.citation_id 
_software.pdbx_ordinal 
DENZO       .     ?               package 'Zbyszek Otwinowski' hkl@hkl-xray.com            'data reduction'  
http://www.hkl-xray.com/                     ?          ? 1 
SCALEPACK   .     ?               package 'Zbyszek Otwinowski' hkl@hkl-xray.com            'data scaling'    
http://www.hkl-xray.com/                     ?          ? 2 
PHASER      .     ?               program 'Randy J. Read'      cimr-phaser@lists.cam.ac.uk phasing           
http://www-structmed.cimr.cam.ac.uk/phaser/  ?          ? 3 
REFMAC      .     ?               program 'Garib N. Murshudov' garib@ysbl.york.ac.uk       refinement        
http://www.ccp4.ac.uk/dist/html/refmac5.html Fortran_77 ? 4 
PDB_EXTRACT 3.006 'June 11, 2008' package PDB                  help@deposit.rcsb.org       'data extraction' 
http://sw-tools.pdb.org/apps/PDB_EXTRACT/    C++        ? 5 
# 
_cell.length_a           4.822 
_cell.length_b           16.391 
_cell.length_c           23.476 
_cell.angle_alpha        90.000 
_cell.angle_beta         92.500 
_cell.angle_gamma        90.000 
_cell.entry_id           3FPO 
_cell.pdbx_unique_axis   ? 
_cell.Z_PDB              2 
_cell.length_a_esd       ? 
_cell.length_b_esd       ? 
_cell.length_c_esd       ? 
_cell.angle_alpha_esd    ? 
_cell.angle_beta_esd     ? 
_cell.angle_gamma_esd    ? 
# 
_symmetry.space_group_name_H-M             'P 1 21 1' 
_symmetry.entry_id                         3FPO 
_symmetry.Int_Tables_number                4 
_symmetry.pdbx_full_space_group_name_H-M   ? 
_symmetry.cell_setting                     ? 
_symmetry.space_group_name_Hall            ? 
# 
_exptl.crystals_number   1 
_exptl.entry_id          3FPO 
_exptl.method            'X-RAY DIFFRACTION' 
# 
_exptl_crystal.id                    1 
_exptl_crystal.density_Matthews      ? 
_exptl_crystal.density_meas          ? 
_exptl_crystal.density_percent_sol   ? 
_exptl_crystal.description           ? 
_exptl_crystal.F_000                 ? 
_exptl_crystal.preparation           ? 
# 
_exptl_crystal_grow.crystal_id      1 
_exptl_crystal_grow.method          'VAPOR DIFFUSION, HANGING DROP' 
_exptl_crystal_grow.pH              8.5 
_exptl_crystal_grow.temp            298 
_exptl_crystal_grow.pdbx_details    '8% PEG 8000, 0.1M Tris-HCl, pH 8.5, VAPOR DIFFUSION, HANGING DROP, temperature 298K' 
_exptl_crystal_grow.temp_details    ? 
_exptl_crystal_grow.pdbx_pH_range   ? 
# 
_diffrn.id                     1 
_diffrn.ambient_temp           100 
_diffrn.ambient_temp_details   ? 
_diffrn.crystal_id             1 
# 
_diffrn_detector.diffrn_id              1 
_diffrn_detector.detector               CCD 
_diffrn_detector.type                   'ADSC QUANTUM 315' 
_diffrn_detector.pdbx_collection_date   2007-11-08 
_diffrn_detector.details                ? 
# 
_diffrn_radiation.diffrn_id                        1 
_diffrn_radiation.pdbx_diffrn_protocol             'SINGLE WAVELENGTH' 
_diffrn_radiation.monochromator                    ? 
_diffrn_radiation.wavelength_id                    1 
_diffrn_radiation.pdbx_monochromatic_or_laue_m_l   M 
_diffrn_radiation.pdbx_scattering_type             x-ray 
# 
_diffrn_radiation_wavelength.id           1 
_diffrn_radiation_wavelength.wavelength   0.9792 
_diffrn_radiation_wavelength.wt           1.0 
# 
_diffrn_source.diffrn_id                   1 
_diffrn_source.source                      SYNCHROTRON 
_diffrn_source.type                        'APS BEAMLINE 24-ID-E' 
_diffrn_source.pdbx_wavelength_list        0.9792 
_diffrn_source.pdbx_wavelength             ? 
_diffrn_source.pdbx_synchrotron_site       APS 
_diffrn_source.pdbx_synchrotron_beamline   24-ID-E 
# 
_reflns.entry_id                     3FPO 
_reflns.d_resolution_high            1.500 
_reflns.d_resolution_low             90.000 
_reflns.number_obs                   568 
_reflns.pdbx_Rmerge_I_obs            0.159 
_reflns.pdbx_netI_over_sigmaI        9.505 
_reflns.pdbx_chi_squared             1.471 
_reflns.pdbx_redundancy              4.300 
_reflns.percent_possible_obs         93.600 
_reflns.observed_criterion_sigma_F   ? 
_reflns.observed_criterion_sigma_I   -3 
_reflns.number_all                   568 
_reflns.pdbx_Rsym_value              ? 
_reflns.B_iso_Wilson_estimate        14.0 
_reflns.R_free_details               ? 
_reflns.limit_h_max                  ? 
_reflns.limit_h_min                  ? 
_reflns.limit_k_max                  ? 
_reflns.limit_k_min                  ? 
_reflns.limit_l_max                  ? 
_reflns.limit_l_min                  ? 
_reflns.observed_criterion_F_max     ? 
_reflns.observed_criterion_F_min     ? 
_reflns.pdbx_scaling_rejects         ? 
_reflns.pdbx_diffrn_id               1 
_reflns.pdbx_ordinal                 1 
# 
_reflns_shell.d_res_high             1.50 
_reflns_shell.d_res_low              1.62 
_reflns_shell.number_measured_obs    ? 
_reflns_shell.number_measured_all    ? 
_reflns_shell.number_unique_obs      ? 
_reflns_shell.Rmerge_I_obs           0.572 
_reflns_shell.meanI_over_sigI_obs    2.0 
_reflns_shell.pdbx_Rsym_value        ? 
_reflns_shell.pdbx_chi_squared       2.435 
_reflns_shell.pdbx_redundancy        4.40 
_reflns_shell.percent_possible_obs   ? 
_reflns_shell.number_unique_all      99 
_reflns_shell.percent_possible_all   75.60 
_reflns_shell.pdbx_diffrn_id         ? 
_reflns_shell.pdbx_ordinal           1 
# 
_refine.entry_id                                 3FPO 
_refine.ls_d_res_high                            1.500 
_refine.ls_d_res_low                             23.450 
_refine.pdbx_ls_sigma_F                          0.00 
_refine.ls_percent_reflns_obs                    92.130 
_refine.ls_number_reflns_obs                     562 
_refine.pdbx_ls_cross_valid_method               THROUGHOUT 
_refine.pdbx_R_Free_selection_details            RANDOM 
_refine.details                                  'HYDROGENS HAVE BEEN ADDED IN THE RIDING POSITIONS' 
_refine.ls_R_factor_obs                          0.140 
_refine.ls_R_factor_R_work                       0.139 
_refine.ls_wR_factor_R_work                      0.142 
_refine.ls_R_factor_R_free                       0.154 
_refine.ls_wR_factor_R_free                      0.171 
_refine.ls_percent_reflns_R_free                 9.400 
_refine.ls_number_reflns_R_free                  53 
_refine.B_iso_mean                               5.454 
_refine.aniso_B[1][1]                            -0.400 
_refine.aniso_B[2][2]                            0.880 
_refine.aniso_B[3][3]                            -0.480 
_refine.aniso_B[1][2]                            0.000 
_refine.aniso_B[1][3]                            -0.060 
_refine.aniso_B[2][3]                            0.000 
_refine.correlation_coeff_Fo_to_Fc               0.979 
_refine.correlation_coeff_Fo_to_Fc_free          0.960 
_refine.overall_SU_R_Cruickshank_DPI             0.095 
_refine.overall_SU_R_free                        0.080 
_refine.pdbx_overall_ESU_R                       0.095 
_refine.pdbx_overall_ESU_R_Free                  0.080 
_refine.overall_SU_ML                            0.046 
_refine.overall_SU_B                             1.327 
_refine.solvent_model_details                    MASK 
_refine.pdbx_solvent_vdw_probe_radii             1.400 
_refine.pdbx_solvent_ion_probe_radii             0.800 
_refine.pdbx_solvent_shrinkage_radii             0.800 
_refine.pdbx_method_to_determine_struct          'MOLECULAR REPLACEMENT' 
_refine.pdbx_stereochemistry_target_values       'MAXIMUM LIKELIHOOD' 
_refine.overall_FOM_work_R_set                   0.893 
_refine.B_iso_max                                29.38 
_refine.B_iso_min                                2.74 
_refine.occupancy_max                            1.00 
_refine.occupancy_min                            1.00 
_refine.pdbx_ls_sigma_I                          ? 
_refine.ls_number_reflns_all                     ? 
_refine.ls_R_factor_all                          ? 
_refine.ls_redundancy_reflns_obs                 ? 
_refine.pdbx_data_cutoff_high_absF               ? 
_refine.pdbx_data_cutoff_low_absF                ? 
_refine.ls_number_parameters                     ? 
_refine.ls_number_restraints                     ? 
_refine.ls_R_factor_R_free_error                 ? 
_refine.ls_R_factor_R_free_error_details         ? 
_refine.pdbx_starting_model                      ? 
_refine.pdbx_stereochem_target_val_spec_case     ? 
_refine.solvent_model_param_bsol                 ? 
_refine.solvent_model_param_ksol                 ? 
_refine.pdbx_isotropic_thermal_model             ? 
_refine.pdbx_data_cutoff_high_rms_absF           ? 
_refine.overall_FOM_free_R_set                   ? 
_refine.pdbx_overall_phase_error                 ? 
_refine.pdbx_refine_id                           'X-RAY DIFFRACTION' 
_refine.pdbx_diffrn_id                           1 
_refine.pdbx_TLS_residual_ADP_flag               ? 
_refine.pdbx_overall_SU_R_free_Cruickshank_DPI   ? 
_refine.pdbx_overall_SU_R_Blow_DPI               ? 
_refine.pdbx_overall_SU_R_free_Blow_DPI          ? 
# 
_refine_hist.pdbx_refine_id                   'X-RAY DIFFRACTION' 
_refine_hist.cycle_id                         LAST 
_refine_hist.pdbx_number_atoms_protein        50 
_refine_hist.pdbx_number_atoms_nucleic_acid   0 
_refine_hist.pdbx_number_atoms_ligand         0 
_refine_hist.number_atoms_solvent             4 
_refine_hist.number_atoms_total               54 
_refine_hist.d_res_high                       1.500 
_refine_hist.d_res_low                        23.450 
# 
loop_
_refine_ls_restr.type 
_refine_ls_restr.number 
_refine_ls_restr.dev_ideal 
_refine_ls_restr.dev_ideal_target 
_refine_ls_restr.weight 
_refine_ls_restr.pdbx_refine_id 
_refine_ls_restr.pdbx_restraint_function 
r_bond_refined_d         51 0.004  0.020  ? 'X-RAY DIFFRACTION' ? 
r_bond_other_d           30 0.001  0.020  ? 'X-RAY DIFFRACTION' ? 
r_angle_refined_deg      68 0.703  1.796  ? 'X-RAY DIFFRACTION' ? 
r_angle_other_deg        72 0.535  3.000  ? 'X-RAY DIFFRACTION' ? 
r_dihedral_angle_1_deg   5  3.153  5.000  ? 'X-RAY DIFFRACTION' ? 
r_dihedral_angle_2_deg   4  57.475 25.000 ? 'X-RAY DIFFRACTION' ? 
r_dihedral_angle_3_deg   6  5.176  15.000 ? 'X-RAY DIFFRACTION' ? 
r_chiral_restr           6  0.076  0.200  ? 'X-RAY DIFFRACTION' ? 
r_gen_planes_refined     60 0.002  0.020  ? 'X-RAY DIFFRACTION' ? 
r_gen_planes_other       12 0.000  0.020  ? 'X-RAY DIFFRACTION' ? 
r_nbd_refined            3  0.146  0.200  ? 'X-RAY DIFFRACTION' ? 
r_nbd_other              13 0.200  0.200  ? 'X-RAY DIFFRACTION' ? 
r_nbtor_refined          21 0.171  0.200  ? 'X-RAY DIFFRACTION' ? 
r_nbtor_other            27 0.070  0.200  ? 'X-RAY DIFFRACTION' ? 
r_symmetry_vdw_refined   5  0.120  0.200  ? 'X-RAY DIFFRACTION' ? 
r_symmetry_vdw_other     8  0.184  0.200  ? 'X-RAY DIFFRACTION' ? 
r_symmetry_hbond_refined 4  0.066  0.200  ? 'X-RAY DIFFRACTION' ? 
r_mcbond_it              35 0.888  2.000  ? 'X-RAY DIFFRACTION' ? 
r_mcbond_other           11 0.142  2.000  ? 'X-RAY DIFFRACTION' ? 
r_mcangle_it             47 1.596  3.000  ? 'X-RAY DIFFRACTION' ? 
r_scbond_it              26 1.065  2.000  ? 'X-RAY DIFFRACTION' ? 
r_scangle_it             21 1.049  3.000  ? 'X-RAY DIFFRACTION' ? 
# 
_refine_ls_shell.d_res_high                       1.500 
_refine_ls_shell.d_res_low                        1.680 
_refine_ls_shell.pdbx_total_number_of_bins_used   5 
_refine_ls_shell.percent_reflns_obs               77.220 
_refine_ls_shell.number_reflns_R_work             126 
_refine_ls_shell.R_factor_all                     ? 
_refine_ls_shell.R_factor_R_work                  0.204 
_refine_ls_shell.R_factor_R_free                  0.212 
_refine_ls_shell.percent_reflns_R_free            ? 
_refine_ls_shell.number_reflns_R_free             13 
_refine_ls_shell.R_factor_R_free_error            ? 
_refine_ls_shell.number_reflns_all                139 
_refine_ls_shell.number_reflns_obs                ? 
_refine_ls_shell.redundancy_reflns_obs            ? 
_refine_ls_shell.pdbx_refine_id                   'X-RAY DIFFRACTION' 
# 
_struct.entry_id                  3FPO 
_struct.title                     'HSSNNF segment from Islet Amyloid Polypeptide (IAPP or Amylin)' 
_struct.pdbx_model_details        ? 
_struct.pdbx_CASP_flag            ? 
_struct.pdbx_model_type_details   ? 
# 
_struct_keywords.entry_id        3FPO 
_struct_keywords.text            'amyloid-like protofibril, PROTEIN FIBRIL' 
_struct_keywords.pdbx_keywords   'PROTEIN FIBRIL' 
# 
loop_
_struct_asym.id 
_struct_asym.pdbx_blank_PDB_chainid_flag 
_struct_asym.pdbx_modified 
_struct_asym.entity_id 
_struct_asym.details 
A N N 1 ? 
B N N 2 ? 
# 
_struct_ref.id                         1 
_struct_ref.db_name                    PDB 
_struct_ref.db_code                    3FPO 
_struct_ref.pdbx_db_accession          3FPO 
_struct_ref.entity_id                  1 
_struct_ref.pdbx_align_begin           ? 
_struct_ref.pdbx_seq_one_letter_code   ? 
_struct_ref.pdbx_db_isoform            ? 
# 
_struct_ref_seq.align_id                      1 
_struct_ref_seq.ref_id                        1 
_struct_ref_seq.pdbx_PDB_id_code              3FPO 
_struct_ref_seq.pdbx_strand_id                A 
_struct_ref_seq.seq_align_beg                 1 
_struct_ref_seq.pdbx_seq_align_beg_ins_code   ? 
_struct_ref_seq.seq_align_end                 6 
_struct_ref_seq.pdbx_seq_align_end_ins_code   ? 
_struct_ref_seq.pdbx_db_accession             3FPO 
_struct_ref_seq.db_align_beg                  1 
_struct_ref_seq.pdbx_db_align_beg_ins_code    ? 
_struct_ref_seq.db_align_end                  6 
_struct_ref_seq.pdbx_db_align_end_ins_code    ? 
_struct_ref_seq.pdbx_auth_seq_align_beg       1 
_struct_ref_seq.pdbx_auth_seq_align_end       6 
# 
_pdbx_struct_assembly.id                   1 
_pdbx_struct_assembly.details              author_defined_assembly 
_pdbx_struct_assembly.method_details       ? 
_pdbx_struct_assembly.oligomeric_details   tetrameric 
_pdbx_struct_assembly.oligomeric_count     4 
# 
_pdbx_struct_assembly_gen.assembly_id       1 
_pdbx_struct_assembly_gen.oper_expression   1,2,3,4 
_pdbx_struct_assembly_gen.asym_id_list      A,B 
# 
loop_
_pdbx_struct_oper_list.id 
_pdbx_struct_oper_list.type 
_pdbx_struct_oper_list.name 
_pdbx_struct_oper_list.symmetry_operation 
_pdbx_struct_oper_list.matrix[1][1] 
_pdbx_struct_oper_list.matrix[1][2] 
_pdbx_struct_oper_list.matrix[1][3] 
_pdbx_struct_oper_list.vector[1] 
_pdbx_struct_oper_list.matrix[2][1] 
_pdbx_struct_oper_list.matrix[2][2] 
_pdbx_struct_oper_list.matrix[2][3] 
_pdbx_struct_oper_list.vector[2] 
_pdbx_struct_oper_list.matrix[3][1] 
_pdbx_struct_oper_list.matrix[3][2] 
_pdbx_struct_oper_list.matrix[3][3] 
_pdbx_struct_oper_list.vector[3] 
1 'identity operation'         1_555 x,y,z   1.0000000000 0.0000000000 0.0000000000 0.0000000000  0.0000000000 1.0000000000 0.0000000000 0.0000000000  0.0000000000 0.0000000000 1.0000000000 0.0000000000  
2 'crystal symmetry operation' 1_455 x-1,y,z 1.0000000000 0.0000000000 0.0000000000 1.6500543171  0.0000000000 1.0000000000 0.0000000000 3.6684689659  0.0000000000 0.0000000000 1.0000000000 2.6591991645  
3 'crystal symmetry operation' 1_655 x+1,y,z 1.0000000000 0.0000000000 0.0000000000 -1.6500543171 0.0000000000 1.0000000000 0.0000000000 -3.6684689659 0.0000000000 0.0000000000 1.0000000000 -2.6591991645 
4 'crystal symmetry operation' 1_355 x-2,y,z 1.0000000000 0.0000000000 0.0000000000 3.3001086342  0.0000000000 1.0000000000 0.0000000000 7.3369379318  0.0000000000 0.0000000000 1.0000000000 5.3183983291 
# 
_struct_biol.id        1 
_struct_biol.details   ? 
# 
_pdbx_phasing_MR.entry_id                     3FPO 
_pdbx_phasing_MR.method_rotation              ? 
_pdbx_phasing_MR.method_translation           ? 
_pdbx_phasing_MR.model_details                'Phaser MODE: MR_AUTO' 
_pdbx_phasing_MR.R_factor                     ? 
_pdbx_phasing_MR.R_rigid_body                 ? 
_pdbx_phasing_MR.correlation_coeff_Fo_to_Fc   ? 
_pdbx_phasing_MR.correlation_coeff_Io_to_Ic   ? 
_pdbx_phasing_MR.d_res_high_rotation          ? 
_pdbx_phasing_MR.d_res_low_rotation           ? 
_pdbx_phasing_MR.d_res_high_translation       ? 
_pdbx_phasing_MR.d_res_low_translation        ? 
_pdbx_phasing_MR.packing                      ? 
_pdbx_phasing_MR.reflns_percent_rotation      ? 
_pdbx_phasing_MR.reflns_percent_translation   ? 
_pdbx_phasing_MR.sigma_F_rotation             ? 
_pdbx_phasing_MR.sigma_F_translation          ? 
_pdbx_phasing_MR.sigma_I_rotation             ? 
_pdbx_phasing_MR.sigma_I_translation          ? 
# 
_phasing.method   MR 
# 
loop_
_chem_comp_atom.comp_id 
_chem_comp_atom.atom_id 
_chem_comp_atom.type_symbol 
_chem_comp_atom.pdbx_aromatic_flag 
_chem_comp_atom.pdbx_stereo_config 
_chem_comp_atom.pdbx_ordinal 
ASN N    N N N 1  
ASN CA   C N S 2  
ASN C    C N N 3  
ASN O    O N N 4  
ASN CB   C N N 5  
ASN CG   C N N 6  
ASN OD1  O N N 7  
ASN ND2  N N N 8  
ASN OXT  O N N 9  
ASN H    H N N 10 
ASN H2   H N N 11 
ASN HA   H N N 12 
ASN HB2  H N N 13 
ASN HB3  H N N 14 
ASN HD21 H N N 15 
ASN HD22 H N N 16 
ASN HXT  H N N 17 
HIS N    N N N 18 
HIS CA   C N S 19 
HIS C    C N N 20 
HIS O    O N N 21 
HIS CB   C N N 22 
HIS CG   C Y N 23 
HIS ND1  N Y N 24 
HIS CD2  C Y N 25 
HIS CE1  C Y N 26 
HIS NE2  N Y N 27 
HIS OXT  O N N 28 
HIS H    H N N 29 
HIS H2   H N N 30 
HIS HA   H N N 31 
HIS HB2  H N N 32 
HIS HB3  H N N 33 
HIS HD1  H N N 34 
HIS HD2  H N N 35 
HIS HE1  H N N 36 
HIS HE2  H N N 37 
HIS HXT  H N N 38 
HOH O    O N N 39 
HOH H1   H N N 40 
HOH H2   H N N 41 
PHE N    N N N 42 
PHE CA   C N S 43 
PHE C    C N N 44 
PHE O    O N N 45 
PHE CB   C N N 46 
PHE CG   C Y N 47 
PHE CD1  C Y N 48 
PHE CD2  C Y N 49 
PHE CE1  C Y N 50 
PHE CE2  C Y N 51 
PHE CZ   C Y N 52 
PHE OXT  O N N 53 
PHE H    H N N 54 
PHE H2   H N N 55 
PHE HA   H N N 56 
PHE HB2  H N N 57 
PHE HB3  H N N 58 
PHE HD1  H N N 59 
PHE HD2  H N N 60 
PHE HE1  H N N 61 
PHE HE2  H N N 62 
PHE HZ   H N N 63 
PHE HXT  H N N 64 
SER N    N N N 65 
SER CA   C N S 66 
SER C    C N N 67 
SER O    O N N 68 
SER CB   C N N 69 
SER OG   O N N 70 
SER OXT  O N N 71 
SER H    H N N 72 
SER H2   H N N 73 
SER HA   H N N 74 
SER HB2  H N N 75 
SER HB3  H N N 76 
SER HG   H N N 77 
SER HXT  H N N 78 
# 
loop_
_chem_comp_bond.comp_id 
_chem_comp_bond.atom_id_1 
_chem_comp_bond.atom_id_2 
_chem_comp_bond.value_order 
_chem_comp_bond.pdbx_aromatic_flag 
_chem_comp_bond.pdbx_stereo_config 
_chem_comp_bond.pdbx_ordinal 
ASN N   CA   sing N N 1  
ASN N   H    sing N N 2  
ASN N   H2   sing N N 3  
ASN CA  C    sing N N 4  
ASN CA  CB   sing N N 5  
ASN CA  HA   sing N N 6  
ASN C   O    doub N N 7  
ASN C   OXT  sing N N 8  
ASN CB  CG   sing N N 9  
ASN CB  HB2  sing N N 10 
ASN CB  HB3  sing N N 11 
ASN CG  OD1  doub N N 12 
ASN CG  ND2  sing N N 13 
ASN ND2 HD21 sing N N 14 
ASN ND2 HD22 sing N N 15 
ASN OXT HXT  sing N N 16 
HIS N   CA   sing N N 17 
HIS N   H    sing N N 18 
HIS N   H2   sing N N 19 
HIS CA  C    sing N N 20 
HIS CA  CB   sing N N 21 
HIS CA  HA   sing N N 22 
HIS C   O    doub N N 23 
HIS C   OXT  sing N N 24 
HIS CB  CG   sing N N 25 
HIS CB  HB2  sing N N 26 
HIS CB  HB3  sing N N 27 
HIS CG  ND1  sing Y N 28 
HIS CG  CD2  doub Y N 29 
HIS ND1 CE1  doub Y N 30 
HIS ND1 HD1  sing N N 31 
HIS CD2 NE2  sing Y N 32 
HIS CD2 HD2  sing N N 33 
HIS CE1 NE2  sing Y N 34 
HIS CE1 HE1  sing N N 35 
HIS NE2 HE2  sing N N 36 
HIS OXT HXT  sing N N 37 
HOH O   H1   sing N N 38 
HOH O   H2   sing N N 39 
PHE N   CA   sing N N 40 
PHE N   H    sing N N 41 
PHE N   H2   sing N N 42 
PHE CA  C    sing N N 43 
PHE CA  CB   sing N N 44 
PHE CA  HA   sing N N 45 
PHE C   O    doub N N 46 
PHE C   OXT  sing N N 47 
PHE CB  CG   sing N N 48 
PHE CB  HB2  sing N N 49 
PHE CB  HB3  sing N N 50 
PHE CG  CD1  doub Y N 51 
PHE CG  CD2  sing Y N 52 
PHE CD1 CE1  sing Y N 53 
PHE CD1 HD1  sing N N 54 
PHE CD2 CE2  doub Y N 55 
PHE CD2 HD2  sing N N 56 
PHE CE1 CZ   doub Y N 57 
PHE CE1 HE1  sing N N 58 
PHE CE2 CZ   sing Y N 59 
PHE CE2 HE2  sing N N 60 
PHE CZ  HZ   sing N N 61 
PHE OXT HXT  sing N N 62 
SER N   CA   sing N N 63 
SER N   H    sing N N 64 
SER N   H2   sing N N 65 
SER CA  C    sing N N 66 
SER CA  CB   sing N N 67 
SER CA  HA   sing N N 68 
SER C   O    doub N N 69 
SER C   OXT  sing N N 70 
SER CB  OG   sing N N 71 
SER CB  HB2  sing N N 72 
SER CB  HB3  sing N N 73 
SER OG  HG   sing N N 74 
SER OXT HXT  sing N N 75 
# 
_atom_sites.entry_id                    3FPO 
_atom_sites.fract_transf_matrix[1][1]   -0.07906746 
_atom_sites.fract_transf_matrix[1][2]   -0.15379832 
_atom_sites.fract_transf_matrix[1][3]   -0.11482060 
_atom_sites.fract_transf_matrix[2][1]   -0.01713210 
_atom_sites.fract_transf_matrix[2][2]   -0.02911845 
_atom_sites.fract_transf_matrix[2][3]   0.05080064 
_atom_sites.fract_transf_matrix[3][1]   -0.03823206 
_atom_sites.fract_transf_matrix[3][2]   0.01875157 
_atom_sites.fract_transf_matrix[3][3]   -0.00214522 
_atom_sites.fract_transf_vector[1]      0.221486 
_atom_sites.fract_transf_vector[2]      0.033372 
_atom_sites.fract_transf_vector[3]      -0.010595 
# 
loop_
_atom_type.symbol 
C 
N 
O 
# 
loop_
_atom_site.group_PDB 
_atom_site.id 
_atom_site.type_symbol 
_atom_site.label_atom_id 
_atom_site.label_alt_id 
_atom_site.label_comp_id 
_atom_site.label_asym_id 
_atom_site.label_entity_id 
_atom_site.label_seq_id 
_atom_site.pdbx_PDB_ins_code 
_atom_site.Cartn_x 
_atom_site.Cartn_y 
_atom_site.Cartn_z 
_atom_site.occupancy 
_atom_site.B_iso_or_equiv 
_atom_site.pdbx_formal_charge 
_atom_site.auth_seq_id 
_atom_site.auth_comp_id 
_atom_site.auth_asym_id 
_atom_site.auth_atom_id 
_atom_site.pdbx_PDB_model_num 
ATOM   1  N N   . HIS A 1 1 ? 8.601   -4.829 0.123  1.00 2.74  ? 1  HIS A N   1 
ATOM   2  C CA  . HIS A 1 1 ? 7.883   -3.523 0.214  1.00 3.47  ? 1  HIS A CA  1 
ATOM   3  C C   . HIS A 1 1 ? 6.376   -3.736 0.135  1.00 3.27  ? 1  HIS A C   1 
ATOM   4  O O   . HIS A 1 1 ? 5.913   -4.701 -0.470 1.00 3.07  ? 1  HIS A O   1 
ATOM   5  C CB  . HIS A 1 1 ? 8.325   -2.578 -0.906 1.00 3.90  ? 1  HIS A CB  1 
ATOM   6  C CG  . HIS A 1 1 ? 9.809   -2.387 -0.990 1.00 3.79  ? 1  HIS A CG  1 
ATOM   7  N ND1 . HIS A 1 1 ? 10.583  -2.067 0.105  1.00 4.46  ? 1  HIS A ND1 1 
ATOM   8  C CD2 . HIS A 1 1 ? 10.659  -2.458 -2.041 1.00 4.43  ? 1  HIS A CD2 1 
ATOM   9  C CE1 . HIS A 1 1 ? 11.845  -1.957 -0.268 1.00 4.45  ? 1  HIS A CE1 1 
ATOM   10 N NE2 . HIS A 1 1 ? 11.918  -2.186 -1.566 1.00 4.43  ? 1  HIS A NE2 1 
ATOM   11 N N   . SER A 1 2 ? 5.615   -2.832 0.743  1.00 3.31  ? 2  SER A N   1 
ATOM   12 C CA  . SER A 1 2 ? 4.154   -2.918 0.699  1.00 3.92  ? 2  SER A CA  1 
ATOM   13 C C   . SER A 1 2 ? 3.506   -1.551 0.512  1.00 3.19  ? 2  SER A C   1 
ATOM   14 O O   . SER A 1 2 ? 3.940   -0.558 1.099  1.00 3.36  ? 2  SER A O   1 
ATOM   15 C CB  . SER A 1 2 ? 3.610   -3.594 1.954  1.00 4.84  ? 2  SER A CB  1 
ATOM   16 O OG  . SER A 1 2 ? 4.077   -2.950 3.119  1.00 7.94  ? 2  SER A OG  1 
ATOM   17 N N   . SER A 1 3 ? 2.476   -1.511 -0.330 1.00 2.89  ? 3  SER A N   1 
ATOM   18 C CA  . SER A 1 3 ? 1.721   -0.288 -0.580 1.00 3.33  ? 3  SER A CA  1 
ATOM   19 C C   . SER A 1 3 ? 0.241   -0.534 -0.304 1.00 2.75  ? 3  SER A C   1 
ATOM   20 O O   . SER A 1 3 ? -0.287  -1.615 -0.589 1.00 2.95  ? 3  SER A O   1 
ATOM   21 C CB  . SER A 1 3 ? 1.917   0.192  -2.019 1.00 4.63  ? 3  SER A CB  1 
ATOM   22 O OG  . SER A 1 3 ? 1.451   -0.775 -2.938 1.00 6.72  ? 3  SER A OG  1 
ATOM   23 N N   . ASN A 1 4 ? -0.412  0.481  0.247  1.00 2.75  ? 4  ASN A N   1 
ATOM   24 C CA  . ASN A 1 4 ? -1.811  0.404  0.654  1.00 2.83  ? 4  ASN A CA  1 
ATOM   25 C C   . ASN A 1 4 ? -2.512  1.688  0.231  1.00 3.49  ? 4  ASN A C   1 
ATOM   26 O O   . ASN A 1 4 ? -2.106  2.782  0.640  1.00 4.19  ? 4  ASN A O   1 
ATOM   27 C CB  . ASN A 1 4 ? -1.899  0.217  2.164  1.00 3.45  ? 4  ASN A CB  1 
ATOM   28 C CG  . ASN A 1 4 ? -1.078  -0.963 2.650  1.00 3.76  ? 4  ASN A CG  1 
ATOM   29 O OD1 . ASN A 1 4 ? -1.514  -2.111 2.562  1.00 4.65  ? 4  ASN A OD1 1 
ATOM   30 N ND2 . ASN A 1 4 ? 0.127   -0.689 3.149  1.00 4.75  ? 4  ASN A ND2 1 
ATOM   31 N N   . ASN A 1 5 ? -3.543  1.552  -0.601 1.00 2.95  ? 5  ASN A N   1 
ATOM   32 C CA  . ASN A 1 5 ? -4.246  2.702  -1.177 1.00 3.05  ? 5  ASN A CA  1 
ATOM   33 C C   . ASN A 1 5 ? -5.748  2.605  -0.922 1.00 3.25  ? 5  ASN A C   1 
ATOM   34 O O   . ASN A 1 5 ? -6.393  1.664  -1.385 1.00 4.19  ? 5  ASN A O   1 
ATOM   35 C CB  . ASN A 1 5 ? -3.976  2.777  -2.676 1.00 3.19  ? 5  ASN A CB  1 
ATOM   36 C CG  . ASN A 1 5 ? -2.501  2.820  -2.997 1.00 3.53  ? 5  ASN A CG  1 
ATOM   37 O OD1 . ASN A 1 5 ? -1.825  3.813  -2.728 1.00 6.20  ? 5  ASN A OD1 1 
ATOM   38 N ND2 . ASN A 1 5 ? -1.986  1.735  -3.565 1.00 4.34  ? 5  ASN A ND2 1 
ATOM   39 N N   . PHE A 1 6 ? -6.284  3.580  -0.184 1.00 3.65  ? 6  PHE A N   1 
ATOM   40 C CA  . PHE A 1 6 ? -7.701  3.623  0.190  1.00 5.17  ? 6  PHE A CA  1 
ATOM   41 C C   . PHE A 1 6 ? -8.359  4.900  -0.349 1.00 7.73  ? 6  PHE A C   1 
ATOM   42 O O   . PHE A 1 6 ? -7.767  5.664  -1.121 1.00 9.81  ? 6  PHE A O   1 
ATOM   43 C CB  . PHE A 1 6 ? -7.858  3.588  1.712  1.00 4.59  ? 6  PHE A CB  1 
ATOM   44 C CG  . PHE A 1 6 ? -7.207  2.402  2.376  1.00 4.22  ? 6  PHE A CG  1 
ATOM   45 C CD1 . PHE A 1 6 ? -5.882  2.462  2.799  1.00 3.96  ? 6  PHE A CD1 1 
ATOM   46 C CD2 . PHE A 1 6 ? -7.925  1.237  2.607  1.00 3.77  ? 6  PHE A CD2 1 
ATOM   47 C CE1 . PHE A 1 6 ? -5.281  1.379  3.425  1.00 3.51  ? 6  PHE A CE1 1 
ATOM   48 C CE2 . PHE A 1 6 ? -7.333  0.149  3.229  1.00 4.91  ? 6  PHE A CE2 1 
ATOM   49 C CZ  . PHE A 1 6 ? -6.006  0.220  3.639  1.00 4.45  ? 6  PHE A CZ  1 
ATOM   50 O OXT . PHE A 1 6 ? -9.508  5.210  -0.012 1.00 8.77  ? 6  PHE A OXT 1 
HETATM 51 O O   . HOH B 2 . ? -11.349 2.971  -0.157 1.00 9.88  ? 11 HOH A O   1 
HETATM 52 O O   . HOH B 2 . ? 6.339   -3.990 4.608  1.00 20.08 ? 12 HOH A O   1 
HETATM 53 O O   . HOH B 2 . ? 7.042   -6.031 2.427  1.00 22.20 ? 13 HOH A O   1 
HETATM 54 O O   . HOH B 2 . ? 5.344   -6.830 4.364  1.00 29.38 ? 14 HOH A O   1 
# 
